data_2QMX
#
_entry.id   2QMX
#
_cell.length_a   86.870
_cell.length_b   127.886
_cell.length_c   56.595
_cell.angle_alpha   90.00
_cell.angle_beta   90.00
_cell.angle_gamma   90.00
#
_symmetry.space_group_name_H-M   'P 21 21 2'
#
loop_
_entity.id
_entity.type
_entity.pdbx_description
1 polymer 'Prephenate dehydratase'
2 non-polymer 'ACETATE ION'
3 non-polymer PHENYLALANINE
4 non-polymer 1,2-ETHANEDIOL
5 water water
#
_entity_poly.entity_id   1
_entity_poly.type   'polypeptide(L)'
_entity_poly.pdbx_seq_one_letter_code
;SNA(MSE)TNWLIAYQGEPGAYSEIAALRFGEPLPCESFDDVFSAVTEQKADYAVIPIENSLGGSIHQNYDLLLRRPVVI
LAETFVKVEHCLLGLPGASVETATKA(MSE)SHPQALVQCHNFFATHPQIRAEAAYDTAGSAK(MSE)VAESRDKSALAI
ASKRAGELYGLDILKENLADEEWNITRFFCIAHENNPDISHLKVRPDVARQKTSIVFALPNEQGSLFRALATFALRGIDL
TKIESRPSRKKAFEYLFYADFIGHREDQNVHNALENLREFAT(MSE)VKVLGSYGVVNP
;
_entity_poly.pdbx_strand_id   A,B
#
loop_
_chem_comp.id
_chem_comp.type
_chem_comp.name
_chem_comp.formula
ACT non-polymer 'ACETATE ION' 'C2 H3 O2 -1'
EDO non-polymer 1,2-ETHANEDIOL 'C2 H6 O2'
#
# COMPACT_ATOMS: atom_id res chain seq x y z
N ASN A 6 -13.48 27.41 -9.32
CA ASN A 6 -13.20 26.23 -10.16
C ASN A 6 -14.10 25.17 -9.59
N TRP A 7 -14.74 24.37 -10.45
CA TRP A 7 -15.41 23.14 -10.02
C TRP A 7 -14.59 21.95 -10.44
N LEU A 8 -13.32 22.18 -10.75
CA LEU A 8 -12.47 21.11 -11.16
C LEU A 8 -12.01 20.31 -9.94
N ILE A 9 -12.01 18.98 -10.08
CA ILE A 9 -11.47 18.11 -9.03
C ILE A 9 -10.27 17.39 -9.60
N ALA A 10 -9.08 17.82 -9.21
CA ALA A 10 -7.80 17.21 -9.68
C ALA A 10 -7.76 15.76 -9.30
N TYR A 11 -7.36 14.92 -10.23
CA TYR A 11 -6.98 13.56 -9.80
C TYR A 11 -5.87 12.94 -10.66
N GLN A 12 -5.26 11.90 -10.12
CA GLN A 12 -4.26 11.11 -10.79
C GLN A 12 -4.86 9.96 -11.64
N GLY A 13 -4.63 10.03 -12.96
CA GLY A 13 -5.13 8.99 -13.87
C GLY A 13 -5.83 9.58 -15.06
N GLU A 14 -6.69 8.76 -15.67
CA GLU A 14 -7.43 9.15 -16.85
C GLU A 14 -8.87 8.75 -16.71
N PRO A 15 -9.72 9.14 -17.69
CA PRO A 15 -11.10 8.75 -17.52
C PRO A 15 -11.33 7.25 -17.36
N GLY A 16 -12.24 6.97 -16.43
CA GLY A 16 -12.60 5.60 -16.10
C GLY A 16 -11.83 4.97 -14.97
N ALA A 17 -10.67 5.56 -14.60
CA ALA A 17 -9.91 5.23 -13.39
C ALA A 17 -10.79 5.36 -12.14
N TYR A 18 -10.54 4.51 -11.14
CA TYR A 18 -11.33 4.58 -9.91
C TYR A 18 -11.25 5.94 -9.23
N SER A 19 -10.06 6.54 -9.23
CA SER A 19 -9.79 7.95 -8.89
C SER A 19 -10.71 9.00 -9.55
N GLU A 20 -11.05 8.80 -10.80
CA GLU A 20 -11.98 9.65 -11.50
C GLU A 20 -13.36 9.42 -10.95
N ILE A 21 -13.70 8.16 -10.80
CA ILE A 21 -14.99 7.77 -10.18
C ILE A 21 -15.22 8.59 -8.92
N ALA A 22 -14.17 8.72 -8.13
CA ALA A 22 -14.25 9.49 -6.89
C ALA A 22 -14.37 10.95 -7.16
N ALA A 23 -13.66 11.46 -8.16
CA ALA A 23 -13.72 12.91 -8.36
C ALA A 23 -15.10 13.30 -8.88
N LEU A 24 -15.69 12.43 -9.70
CA LEU A 24 -17.09 12.52 -10.07
C LEU A 24 -18.12 12.68 -8.95
N ARG A 25 -17.83 12.13 -7.76
CA ARG A 25 -18.74 12.25 -6.60
C ARG A 25 -18.70 13.68 -6.07
N PHE A 26 -17.59 14.37 -6.38
CA PHE A 26 -17.38 15.80 -6.06
C PHE A 26 -17.50 16.87 -7.15
N GLY A 27 -17.19 16.55 -8.41
CA GLY A 27 -17.30 17.55 -9.47
C GLY A 27 -16.73 17.18 -10.83
N GLU A 28 -16.12 18.15 -11.49
CA GLU A 28 -15.65 17.98 -12.83
C GLU A 28 -14.18 17.57 -12.76
N PRO A 29 -13.88 16.34 -13.20
CA PRO A 29 -12.50 15.82 -13.01
C PRO A 29 -11.45 16.48 -13.92
N LEU A 30 -10.35 16.93 -13.34
CA LEU A 30 -9.19 17.33 -14.07
C LEU A 30 -8.22 16.24 -13.86
N PRO A 31 -7.89 15.47 -14.91
CA PRO A 31 -6.89 14.40 -14.69
C PRO A 31 -5.47 14.96 -14.66
N CYS A 32 -4.61 14.26 -13.90
CA CYS A 32 -3.25 14.69 -13.64
C CYS A 32 -2.23 13.53 -13.76
N GLU A 33 -0.98 13.85 -14.09
CA GLU A 33 -0.02 12.79 -14.31
C GLU A 33 0.24 12.07 -13.00
N SER A 34 0.31 12.83 -11.91
CA SER A 34 0.72 12.26 -10.61
C SER A 34 0.08 12.87 -9.33
N PHE A 35 0.42 12.23 -8.21
CA PHE A 35 -0.06 12.67 -6.89
C PHE A 35 0.50 14.08 -6.69
N ASP A 36 1.81 14.18 -6.85
CA ASP A 36 2.55 15.38 -6.69
C ASP A 36 1.89 16.46 -7.58
N ASP A 37 1.66 16.15 -8.85
CA ASP A 37 0.83 16.98 -9.74
C ASP A 37 -0.63 17.34 -9.27
N VAL A 38 -1.31 16.42 -8.58
CA VAL A 38 -2.70 16.62 -8.11
C VAL A 38 -2.70 17.68 -7.00
N PHE A 39 -1.83 17.50 -6.01
CA PHE A 39 -1.64 18.56 -5.02
C PHE A 39 -1.29 19.92 -5.61
N SER A 40 -0.57 19.95 -6.72
CA SER A 40 -0.12 21.23 -7.31
C SER A 40 -1.20 21.98 -8.14
N ALA A 41 -2.13 21.22 -8.69
CA ALA A 41 -3.30 21.79 -9.35
C ALA A 41 -4.07 22.66 -8.33
N VAL A 42 -4.12 22.19 -7.06
CA VAL A 42 -4.75 22.95 -5.97
C VAL A 42 -3.89 24.15 -5.57
N THR A 43 -2.65 23.90 -5.15
CA THR A 43 -1.68 24.99 -4.81
C THR A 43 -1.72 26.15 -5.82
N GLU A 44 -1.45 25.86 -7.09
CA GLU A 44 -1.33 26.96 -8.04
C GLU A 44 -2.63 27.35 -8.74
N GLN A 45 -3.75 26.85 -8.21
CA GLN A 45 -5.11 27.35 -8.53
C GLN A 45 -5.63 26.94 -9.90
N LYS A 46 -5.12 25.81 -10.40
CA LYS A 46 -5.70 25.18 -11.60
C LYS A 46 -7.09 24.61 -11.27
N ALA A 47 -7.20 24.11 -10.04
CA ALA A 47 -8.37 23.46 -9.49
C ALA A 47 -8.56 23.84 -8.01
N ASP A 48 -9.83 24.06 -7.66
CA ASP A 48 -10.21 24.26 -6.27
C ASP A 48 -10.12 22.99 -5.40
N TYR A 49 -10.31 21.84 -6.02
CA TYR A 49 -10.45 20.60 -5.26
C TYR A 49 -9.59 19.52 -5.86
N ALA A 50 -9.59 18.40 -5.15
CA ALA A 50 -8.83 17.25 -5.54
C ALA A 50 -9.29 16.15 -4.64
N VAL A 51 -9.14 14.93 -5.11
CA VAL A 51 -9.51 13.73 -4.38
C VAL A 51 -8.21 12.92 -4.35
N ILE A 52 -7.71 12.54 -3.17
CA ILE A 52 -6.51 11.65 -3.11
C ILE A 52 -6.78 10.31 -2.40
N PRO A 53 -6.27 9.24 -2.99
CA PRO A 53 -6.48 7.97 -2.38
C PRO A 53 -5.59 7.96 -1.18
N ILE A 54 -6.17 7.56 -0.04
CA ILE A 54 -5.41 7.62 1.19
C ILE A 54 -5.02 6.24 1.79
N GLU A 55 -5.89 5.24 1.53
CA GLU A 55 -5.76 3.86 2.00
C GLU A 55 -6.60 2.99 1.10
N ASN A 56 -6.21 1.73 1.04
CA ASN A 56 -6.92 0.71 0.34
C ASN A 56 -6.89 -0.47 1.29
N SER A 57 -8.07 -1.06 1.39
CA SER A 57 -8.31 -2.25 2.20
C SER A 57 -7.31 -3.42 1.96
N LEU A 58 -6.74 -3.54 0.77
CA LEU A 58 -5.86 -4.67 0.43
C LEU A 58 -4.37 -4.26 0.54
N GLY A 59 -4.08 -3.02 0.16
CA GLY A 59 -2.79 -2.43 0.42
C GLY A 59 -2.80 -1.68 1.76
N GLY A 60 -2.11 -0.59 1.83
CA GLY A 60 -2.05 0.12 3.08
C GLY A 60 -2.60 1.51 2.89
N SER A 61 -2.24 2.30 3.88
CA SER A 61 -2.17 3.73 3.84
C SER A 61 -1.18 4.17 2.78
N ILE A 62 -1.52 5.22 2.03
CA ILE A 62 -0.57 5.76 1.08
C ILE A 62 0.27 6.89 1.68
N HIS A 63 1.44 6.50 2.22
CA HIS A 63 2.33 7.42 2.99
C HIS A 63 2.87 8.60 2.20
N GLN A 64 3.00 8.41 0.91
CA GLN A 64 3.25 9.50 -0.06
C GLN A 64 2.20 10.61 -0.05
N ASN A 65 0.93 10.24 0.04
CA ASN A 65 -0.19 11.16 0.01
C ASN A 65 -0.29 11.87 1.39
N TYR A 66 -0.29 11.12 2.50
CA TYR A 66 0.13 11.67 3.82
C TYR A 66 1.36 12.60 3.94
N ASP A 67 2.52 12.31 3.31
CA ASP A 67 3.57 13.38 3.42
C ASP A 67 3.12 14.66 2.71
N LEU A 68 2.35 14.48 1.64
CA LEU A 68 1.80 15.65 0.93
C LEU A 68 0.66 16.35 1.69
N LEU A 69 -0.18 15.63 2.36
CA LEU A 69 -1.21 16.28 3.17
C LEU A 69 -0.58 17.11 4.29
N LEU A 70 0.46 16.53 4.89
CA LEU A 70 1.31 17.16 5.85
C LEU A 70 2.00 18.40 5.31
N ARG A 71 2.65 18.31 4.14
CA ARG A 71 3.38 19.47 3.64
C ARG A 71 2.58 20.50 2.83
N ARG A 72 1.48 20.06 2.22
CA ARG A 72 0.75 20.99 1.37
C ARG A 72 -0.23 21.81 2.18
N PRO A 73 -0.32 23.12 1.86
CA PRO A 73 -1.23 24.02 2.57
C PRO A 73 -2.65 23.70 2.10
N VAL A 74 -3.09 22.56 2.55
CA VAL A 74 -4.20 21.93 2.00
C VAL A 74 -5.09 21.55 3.22
N VAL A 75 -6.36 21.19 2.98
CA VAL A 75 -7.29 20.79 4.05
C VAL A 75 -8.33 19.77 3.52
N ILE A 76 -8.57 18.69 4.26
CA ILE A 76 -9.67 17.82 3.88
C ILE A 76 -11.09 18.30 4.16
N LEU A 77 -11.92 18.16 3.15
CA LEU A 77 -13.28 18.62 3.15
C LEU A 77 -14.28 17.46 3.13
N ALA A 78 -13.87 16.24 2.78
CA ALA A 78 -14.83 15.13 2.76
C ALA A 78 -14.06 13.94 2.58
N GLU A 79 -14.61 12.80 2.96
CA GLU A 79 -14.00 11.54 2.56
C GLU A 79 -14.98 10.80 1.64
N THR A 80 -14.44 10.03 0.72
CA THR A 80 -15.20 9.01 0.05
C THR A 80 -14.55 7.64 -0.12
N PHE A 81 -15.40 6.65 -0.30
CA PHE A 81 -15.07 5.22 -0.37
C PHE A 81 -15.44 4.57 -1.69
N VAL A 82 -14.41 4.15 -2.40
CA VAL A 82 -14.65 3.49 -3.69
C VAL A 82 -14.39 2.03 -3.65
N LYS A 83 -15.40 1.25 -3.98
CA LYS A 83 -15.31 -0.22 -4.10
C LYS A 83 -14.71 -0.60 -5.46
N VAL A 84 -13.44 -1.01 -5.44
CA VAL A 84 -12.73 -1.39 -6.63
C VAL A 84 -13.26 -2.71 -7.13
N GLU A 85 -14.20 -2.66 -8.06
CA GLU A 85 -14.72 -3.91 -8.61
C GLU A 85 -14.37 -4.08 -10.11
N HIS A 86 -13.62 -5.10 -10.46
CA HIS A 86 -13.17 -5.21 -11.81
C HIS A 86 -14.25 -5.72 -12.66
N CYS A 87 -14.31 -5.18 -13.88
CA CYS A 87 -15.10 -5.77 -14.94
C CYS A 87 -14.18 -6.25 -16.01
N LEU A 88 -14.53 -7.41 -16.55
CA LEU A 88 -13.91 -7.92 -17.75
C LEU A 88 -14.78 -7.41 -18.87
N LEU A 89 -14.15 -6.95 -19.92
CA LEU A 89 -14.73 -5.91 -20.69
C LEU A 89 -14.28 -6.12 -22.14
N GLY A 90 -15.25 -6.28 -23.03
CA GLY A 90 -15.00 -6.58 -24.44
C GLY A 90 -15.70 -5.60 -25.37
N LEU A 91 -15.46 -5.74 -26.68
CA LEU A 91 -16.12 -4.92 -27.67
C LEU A 91 -17.55 -5.44 -27.88
N PRO A 92 -18.46 -4.62 -28.46
CA PRO A 92 -19.82 -5.14 -28.71
C PRO A 92 -19.70 -6.31 -29.65
N GLY A 93 -20.56 -7.32 -29.47
CA GLY A 93 -20.31 -8.65 -30.06
C GLY A 93 -19.24 -9.18 -29.12
N ALA A 94 -19.69 -9.77 -28.03
CA ALA A 94 -18.86 -9.86 -26.86
C ALA A 94 -18.77 -11.29 -26.38
N SER A 95 -17.59 -11.87 -26.53
CA SER A 95 -17.38 -13.26 -26.07
C SER A 95 -16.02 -13.48 -25.38
N VAL A 96 -16.18 -14.35 -24.29
CA VAL A 96 -15.02 -14.80 -23.53
C VAL A 96 -14.30 -15.98 -24.23
N GLU A 97 -15.05 -16.80 -24.97
CA GLU A 97 -14.47 -18.00 -25.57
C GLU A 97 -13.94 -17.75 -26.98
N THR A 98 -13.72 -16.50 -27.36
CA THR A 98 -13.10 -16.17 -28.64
C THR A 98 -11.82 -15.35 -28.43
N ALA A 99 -11.78 -14.67 -27.26
CA ALA A 99 -10.70 -13.85 -26.76
C ALA A 99 -9.36 -14.53 -26.68
N THR A 100 -8.28 -13.69 -26.80
CA THR A 100 -6.91 -14.18 -26.70
C THR A 100 -6.17 -13.55 -25.56
N LYS A 101 -6.74 -12.48 -25.02
CA LYS A 101 -6.05 -11.73 -23.97
C LYS A 101 -7.02 -10.85 -23.20
N ALA A 102 -6.64 -10.58 -21.96
CA ALA A 102 -7.18 -9.47 -21.22
C ALA A 102 -5.94 -8.62 -20.79
N MSE A 103 -6.04 -7.32 -21.07
CA MSE A 103 -5.03 -6.36 -20.64
C MSE A 103 -5.47 -5.71 -19.34
O MSE A 103 -6.69 -5.55 -19.05
CB MSE A 103 -4.80 -5.27 -21.68
CG MSE A 103 -4.38 -5.74 -23.05
SE MSE A 103 -4.43 -4.27 -24.37
CE MSE A 103 -6.31 -4.33 -24.91
N SER A 104 -4.48 -5.30 -18.55
CA SER A 104 -4.80 -4.51 -17.40
C SER A 104 -3.55 -4.16 -16.63
N HIS A 105 -3.75 -3.51 -15.50
CA HIS A 105 -2.63 -3.19 -14.61
C HIS A 105 -2.15 -4.47 -13.95
N PRO A 106 -0.82 -4.68 -13.89
CA PRO A 106 -0.30 -5.90 -13.31
C PRO A 106 -0.97 -6.33 -11.97
N GLN A 107 -1.29 -5.38 -11.10
CA GLN A 107 -1.97 -5.66 -9.85
C GLN A 107 -3.42 -6.10 -10.02
N ALA A 108 -4.19 -5.53 -10.97
CA ALA A 108 -5.52 -6.06 -11.36
C ALA A 108 -5.44 -7.47 -11.92
N LEU A 109 -4.31 -7.76 -12.56
CA LEU A 109 -4.14 -9.03 -13.26
C LEU A 109 -3.89 -10.07 -12.19
N VAL A 110 -3.03 -9.75 -11.26
CA VAL A 110 -2.79 -10.62 -10.15
C VAL A 110 -4.08 -10.85 -9.33
N GLN A 111 -4.81 -9.80 -9.02
CA GLN A 111 -6.06 -9.89 -8.27
C GLN A 111 -7.17 -10.68 -8.97
N CYS A 112 -7.02 -10.87 -10.29
CA CYS A 112 -7.95 -11.68 -11.06
C CYS A 112 -7.28 -13.00 -11.43
N HIS A 113 -6.31 -13.44 -10.62
CA HIS A 113 -5.52 -14.66 -10.88
C HIS A 113 -6.35 -15.97 -11.06
N ASN A 114 -7.53 -16.03 -10.45
CA ASN A 114 -8.47 -17.15 -10.63
C ASN A 114 -8.88 -17.23 -12.08
N PHE A 115 -9.52 -16.16 -12.54
CA PHE A 115 -10.01 -16.02 -13.91
C PHE A 115 -8.99 -16.49 -14.93
N PHE A 116 -7.70 -16.36 -14.60
CA PHE A 116 -6.63 -16.64 -15.55
C PHE A 116 -6.14 -18.07 -15.52
N ALA A 117 -6.17 -18.69 -14.36
CA ALA A 117 -5.76 -20.08 -14.22
C ALA A 117 -6.84 -20.96 -14.82
N THR A 118 -8.10 -20.59 -14.60
CA THR A 118 -9.24 -21.25 -15.25
C THR A 118 -9.39 -20.93 -16.77
N HIS A 119 -8.99 -19.72 -17.19
CA HIS A 119 -9.08 -19.33 -18.62
C HIS A 119 -7.70 -19.21 -19.32
N PRO A 120 -7.05 -20.34 -19.65
CA PRO A 120 -5.70 -20.24 -20.22
C PRO A 120 -5.68 -19.98 -21.74
N GLN A 121 -6.84 -19.86 -22.38
CA GLN A 121 -6.89 -19.36 -23.75
C GLN A 121 -6.72 -17.85 -23.74
N ILE A 122 -6.83 -17.28 -22.53
CA ILE A 122 -6.74 -15.84 -22.31
C ILE A 122 -5.52 -15.53 -21.46
N ARG A 123 -4.59 -14.77 -22.04
CA ARG A 123 -3.34 -14.47 -21.35
C ARG A 123 -3.30 -13.06 -20.80
N ALA A 124 -2.88 -12.98 -19.56
CA ALA A 124 -2.69 -11.73 -18.87
C ALA A 124 -1.75 -10.84 -19.67
N GLU A 125 -2.17 -9.61 -20.00
CA GLU A 125 -1.23 -8.64 -20.56
C GLU A 125 -1.11 -7.37 -19.77
N ALA A 126 0.13 -7.07 -19.36
CA ALA A 126 0.50 -5.83 -18.66
C ALA A 126 0.10 -4.56 -19.47
N ALA A 127 -0.61 -3.69 -18.79
CA ALA A 127 -0.97 -2.37 -19.30
C ALA A 127 -0.58 -1.32 -18.24
N TYR A 128 -0.32 -0.11 -18.69
CA TYR A 128 -0.04 0.99 -17.81
C TYR A 128 -1.08 1.15 -16.71
N ASP A 129 -2.35 1.09 -17.05
CA ASP A 129 -3.35 1.18 -16.03
C ASP A 129 -4.57 0.51 -16.55
N THR A 130 -5.62 0.48 -15.74
CA THR A 130 -6.85 -0.23 -16.13
C THR A 130 -7.71 0.53 -17.07
N ALA A 131 -7.72 1.87 -16.97
CA ALA A 131 -8.57 2.71 -17.82
C ALA A 131 -8.08 2.72 -19.25
N GLY A 132 -6.77 2.86 -19.45
CA GLY A 132 -6.15 2.71 -20.76
C GLY A 132 -6.32 1.37 -21.44
N SER A 133 -6.47 0.33 -20.62
CA SER A 133 -6.73 -1.01 -21.10
C SER A 133 -8.04 -1.00 -21.84
N ALA A 134 -9.07 -0.41 -21.21
CA ALA A 134 -10.37 -0.13 -21.85
C ALA A 134 -10.09 0.60 -23.15
N LYS A 135 -9.53 1.81 -23.05
CA LYS A 135 -9.11 2.64 -24.20
CA LYS A 135 -9.15 2.63 -24.21
C LYS A 135 -8.51 1.84 -25.37
N MSE A 136 -7.63 0.88 -25.07
CA MSE A 136 -6.95 0.13 -26.15
C MSE A 136 -7.87 -0.76 -26.95
O MSE A 136 -7.95 -0.64 -28.17
CB MSE A 136 -5.73 -0.60 -25.64
CG MSE A 136 -4.68 0.40 -25.32
SE MSE A 136 -2.99 -0.40 -24.95
CE MSE A 136 -3.14 -0.79 -23.02
N VAL A 137 -8.55 -1.65 -26.26
CA VAL A 137 -9.71 -2.35 -26.81
C VAL A 137 -10.59 -1.51 -27.77
N ALA A 138 -11.04 -0.33 -27.33
CA ALA A 138 -11.94 0.51 -28.14
C ALA A 138 -11.32 1.02 -29.45
N GLU A 139 -10.01 1.26 -29.43
CA GLU A 139 -9.27 1.73 -30.60
C GLU A 139 -8.74 0.60 -31.47
N SER A 140 -8.28 -0.49 -30.85
CA SER A 140 -7.73 -1.64 -31.57
C SER A 140 -8.76 -2.33 -32.48
N ARG A 141 -10.01 -1.84 -32.46
CA ARG A 141 -11.14 -2.41 -33.25
C ARG A 141 -10.98 -3.95 -33.43
N ASP A 142 -10.69 -4.64 -32.33
CA ASP A 142 -10.36 -6.08 -32.34
C ASP A 142 -11.07 -6.82 -31.21
N LYS A 143 -12.17 -7.52 -31.52
CA LYS A 143 -12.98 -8.19 -30.47
C LYS A 143 -12.25 -9.35 -29.77
N SER A 144 -11.04 -9.67 -30.22
CA SER A 144 -10.21 -10.69 -29.54
C SER A 144 -9.66 -10.23 -28.16
N ALA A 145 -9.18 -8.98 -28.09
CA ALA A 145 -8.52 -8.40 -26.90
C ALA A 145 -9.54 -7.89 -25.89
N LEU A 146 -9.42 -8.36 -24.63
CA LEU A 146 -10.24 -7.87 -23.53
C LEU A 146 -9.46 -6.89 -22.64
N ALA A 147 -10.17 -6.08 -21.86
CA ALA A 147 -9.57 -5.27 -20.80
C ALA A 147 -10.19 -5.64 -19.46
N ILE A 148 -9.47 -5.41 -18.36
CA ILE A 148 -10.05 -5.61 -17.07
C ILE A 148 -10.04 -4.24 -16.51
N ALA A 149 -11.23 -3.69 -16.28
CA ALA A 149 -11.32 -2.32 -15.80
C ALA A 149 -12.61 -2.01 -15.03
N SER A 150 -12.77 -0.72 -14.76
CA SER A 150 -13.98 -0.12 -14.20
C SER A 150 -15.15 -0.31 -15.17
N LYS A 151 -16.34 -0.60 -14.62
CA LYS A 151 -17.62 -0.43 -15.31
C LYS A 151 -17.72 0.96 -16.02
N ARG A 152 -17.38 2.02 -15.30
CA ARG A 152 -17.21 3.35 -15.84
C ARG A 152 -16.29 3.39 -17.08
N ALA A 153 -15.21 2.60 -17.10
CA ALA A 153 -14.37 2.57 -18.30
C ALA A 153 -15.12 1.91 -19.46
N GLY A 154 -15.89 0.87 -19.13
CA GLY A 154 -16.76 0.15 -20.08
C GLY A 154 -17.82 1.10 -20.59
N GLU A 155 -18.67 1.64 -19.71
CA GLU A 155 -19.51 2.81 -20.05
C GLU A 155 -18.92 3.58 -21.23
N LEU A 156 -17.74 4.09 -20.91
CA LEU A 156 -17.12 5.26 -21.51
C LEU A 156 -16.51 4.86 -22.84
N TYR A 157 -15.79 3.74 -22.87
CA TYR A 157 -15.20 3.34 -24.12
C TYR A 157 -16.17 2.46 -24.90
N GLY A 158 -17.47 2.54 -24.53
CA GLY A 158 -18.58 1.82 -25.20
C GLY A 158 -18.49 0.28 -25.25
N LEU A 159 -17.68 -0.28 -24.35
CA LEU A 159 -17.43 -1.72 -24.24
C LEU A 159 -18.64 -2.40 -23.55
N ASP A 160 -18.77 -3.73 -23.68
CA ASP A 160 -19.68 -4.53 -22.83
C ASP A 160 -18.96 -5.21 -21.66
N ILE A 161 -19.63 -5.31 -20.51
CA ILE A 161 -19.19 -6.15 -19.38
C ILE A 161 -19.37 -7.59 -19.77
N LEU A 162 -18.30 -8.36 -19.73
CA LEU A 162 -18.42 -9.79 -19.94
C LEU A 162 -18.62 -10.50 -18.62
N LYS A 163 -18.12 -9.89 -17.54
CA LYS A 163 -17.96 -10.55 -16.25
C LYS A 163 -17.73 -9.52 -15.13
N GLU A 164 -18.62 -9.51 -14.12
CA GLU A 164 -18.45 -8.67 -12.91
C GLU A 164 -17.79 -9.43 -11.71
N ASN A 165 -17.36 -8.68 -10.68
CA ASN A 165 -16.46 -9.17 -9.62
C ASN A 165 -15.42 -10.17 -10.12
N LEU A 166 -14.52 -9.71 -10.99
CA LEU A 166 -13.63 -10.67 -11.68
C LEU A 166 -12.53 -11.31 -10.78
N ALA A 167 -12.00 -10.49 -9.86
CA ALA A 167 -11.15 -10.94 -8.77
C ALA A 167 -12.07 -11.57 -7.72
N ASP A 168 -11.64 -12.57 -6.98
CA ASP A 168 -12.60 -13.07 -5.97
C ASP A 168 -12.32 -12.41 -4.67
N GLU A 169 -12.24 -11.08 -4.75
CA GLU A 169 -12.19 -10.17 -3.63
C GLU A 169 -13.34 -9.22 -3.78
N GLU A 170 -14.26 -9.23 -2.85
CA GLU A 170 -15.09 -8.04 -2.66
C GLU A 170 -14.32 -7.31 -1.57
N TRP A 171 -14.78 -6.17 -1.09
CA TRP A 171 -14.02 -5.52 -0.06
C TRP A 171 -12.56 -5.17 -0.51
N ASN A 172 -12.47 -4.79 -1.76
CA ASN A 172 -11.34 -4.04 -2.19
C ASN A 172 -11.84 -2.59 -2.30
N ILE A 173 -11.61 -1.81 -1.24
CA ILE A 173 -12.14 -0.46 -1.10
C ILE A 173 -10.95 0.51 -1.01
N THR A 174 -11.02 1.55 -1.84
CA THR A 174 -10.20 2.72 -1.72
C THR A 174 -10.95 3.86 -1.12
N ARG A 175 -10.41 4.32 0.04
CA ARG A 175 -10.84 5.58 0.68
C ARG A 175 -10.00 6.80 0.11
N PHE A 176 -10.72 7.82 -0.38
CA PHE A 176 -10.08 9.08 -0.84
C PHE A 176 -10.60 10.27 -0.07
N PHE A 177 -9.75 11.28 0.02
CA PHE A 177 -10.01 12.51 0.72
C PHE A 177 -10.13 13.53 -0.38
N CYS A 178 -11.25 14.32 -0.37
CA CYS A 178 -11.40 15.48 -1.27
C CYS A 178 -10.82 16.67 -0.55
N ILE A 179 -10.00 17.45 -1.22
CA ILE A 179 -9.18 18.42 -0.51
C ILE A 179 -9.25 19.73 -1.18
N ALA A 180 -8.99 20.81 -0.48
CA ALA A 180 -8.93 22.13 -1.06
C ALA A 180 -7.70 22.82 -0.40
N HIS A 181 -7.40 24.06 -0.78
CA HIS A 181 -6.38 24.90 -0.13
C HIS A 181 -6.93 25.31 1.20
N GLU A 182 -6.08 25.35 2.21
CA GLU A 182 -6.51 25.61 3.58
C GLU A 182 -7.09 27.02 3.75
N ASN A 183 -6.74 27.93 2.85
CA ASN A 183 -7.30 29.28 2.85
C ASN A 183 -8.63 29.41 2.11
N ASN A 184 -9.36 28.31 2.00
CA ASN A 184 -10.77 28.37 1.62
C ASN A 184 -11.37 26.97 1.58
N PRO A 185 -11.67 26.43 2.76
CA PRO A 185 -12.40 25.18 2.93
C PRO A 185 -13.82 25.38 2.34
N ASP A 186 -13.93 25.26 1.03
CA ASP A 186 -15.20 25.60 0.44
C ASP A 186 -16.08 24.41 0.23
N ILE A 187 -17.19 24.37 0.98
CA ILE A 187 -18.03 23.20 0.90
C ILE A 187 -19.09 23.40 -0.17
N SER A 188 -19.46 24.68 -0.38
CA SER A 188 -20.67 25.04 -1.10
C SER A 188 -20.60 24.67 -2.58
N HIS A 189 -19.37 24.60 -3.12
CA HIS A 189 -19.20 24.33 -4.57
C HIS A 189 -19.04 22.82 -4.93
N LEU A 190 -18.88 21.95 -3.93
CA LEU A 190 -18.92 20.48 -4.10
C LEU A 190 -20.26 20.04 -4.72
N LYS A 191 -20.20 18.94 -5.48
CA LYS A 191 -21.38 18.38 -6.20
C LYS A 191 -22.50 17.97 -5.24
N VAL A 192 -22.12 17.33 -4.14
CA VAL A 192 -23.03 16.88 -3.06
C VAL A 192 -22.24 17.16 -1.79
N ARG A 193 -22.93 17.78 -0.83
CA ARG A 193 -22.40 18.20 0.47
C ARG A 193 -22.20 17.02 1.42
N PRO A 194 -20.99 16.92 2.05
CA PRO A 194 -20.65 15.79 2.92
C PRO A 194 -21.70 15.57 3.96
N ASP A 195 -22.07 14.30 4.18
CA ASP A 195 -22.93 13.90 5.31
C ASP A 195 -22.15 14.06 6.61
N VAL A 196 -22.63 15.00 7.42
CA VAL A 196 -21.90 15.56 8.55
C VAL A 196 -22.36 14.97 9.89
N ALA A 197 -23.41 14.14 9.82
CA ALA A 197 -24.01 13.42 10.99
C ALA A 197 -23.03 12.77 11.97
N ARG A 198 -22.00 12.10 11.48
CA ARG A 198 -20.94 11.72 12.40
C ARG A 198 -19.57 12.13 11.90
N GLN A 199 -19.45 13.43 11.72
CA GLN A 199 -18.26 14.11 11.24
C GLN A 199 -16.90 13.65 11.87
N LYS A 200 -15.85 13.50 11.05
CA LYS A 200 -14.51 13.04 11.47
C LYS A 200 -13.40 14.11 11.45
N THR A 201 -12.44 14.03 12.36
CA THR A 201 -11.28 14.93 12.26
C THR A 201 -10.07 14.08 12.01
N SER A 202 -9.18 14.46 11.08
CA SER A 202 -7.91 13.73 10.87
C SER A 202 -6.75 14.59 11.30
N ILE A 203 -5.75 14.04 11.94
CA ILE A 203 -4.61 14.89 12.37
C ILE A 203 -3.38 14.07 12.12
N VAL A 204 -2.24 14.72 12.04
CA VAL A 204 -0.96 13.99 12.16
C VAL A 204 -0.26 14.55 13.35
N PHE A 205 0.49 13.73 14.08
CA PHE A 205 1.31 14.24 15.18
C PHE A 205 2.61 13.51 15.24
N ALA A 206 3.60 14.04 15.92
CA ALA A 206 4.89 13.44 16.02
C ALA A 206 5.32 13.33 17.48
N LEU A 207 5.73 12.14 17.93
CA LEU A 207 6.13 12.02 19.31
C LEU A 207 7.63 11.74 19.35
N PRO A 208 8.33 12.31 20.29
CA PRO A 208 9.65 11.77 20.57
C PRO A 208 9.46 10.34 21.12
N ASN A 209 10.23 9.38 20.61
CA ASN A 209 9.94 7.95 20.82
C ASN A 209 10.27 7.36 22.20
N GLU A 210 9.60 7.90 23.20
CA GLU A 210 9.76 7.51 24.59
C GLU A 210 8.83 6.38 24.90
N GLN A 211 9.33 5.39 25.61
CA GLN A 211 8.48 4.36 26.19
C GLN A 211 7.28 5.13 26.77
N GLY A 212 6.06 4.77 26.34
CA GLY A 212 4.84 5.33 26.89
C GLY A 212 4.23 6.41 26.05
N SER A 213 5.04 7.14 25.28
CA SER A 213 4.49 8.34 24.60
C SER A 213 3.10 8.21 24.02
N LEU A 214 2.76 7.06 23.47
CA LEU A 214 1.57 6.95 22.61
C LEU A 214 0.30 6.74 23.45
N PHE A 215 0.46 5.95 24.49
CA PHE A 215 -0.50 5.75 25.57
C PHE A 215 -0.82 7.13 26.06
N ARG A 216 0.22 7.88 26.31
CA ARG A 216 0.06 9.20 26.77
C ARG A 216 -0.73 10.02 25.79
N ALA A 217 -0.41 9.96 24.50
CA ALA A 217 -1.18 10.75 23.50
C ALA A 217 -2.62 10.21 23.26
N LEU A 218 -2.84 8.92 23.36
CA LEU A 218 -4.19 8.47 23.28
C LEU A 218 -5.08 8.93 24.42
N ALA A 219 -4.44 9.17 25.57
CA ALA A 219 -5.12 9.46 26.85
C ALA A 219 -5.89 10.65 26.60
N THR A 220 -5.26 11.46 25.80
CA THR A 220 -5.74 12.76 25.45
C THR A 220 -7.17 12.78 24.88
N PHE A 221 -7.54 11.68 24.23
CA PHE A 221 -8.80 11.48 23.50
C PHE A 221 -9.66 10.56 24.32
N ALA A 222 -9.04 9.51 24.80
CA ALA A 222 -9.80 8.40 25.39
C ALA A 222 -10.37 8.80 26.76
N LEU A 223 -9.60 9.58 27.54
CA LEU A 223 -10.15 10.10 28.83
C LEU A 223 -11.07 11.27 28.61
N ARG A 224 -11.17 11.75 27.37
CA ARG A 224 -12.11 12.83 27.02
C ARG A 224 -13.45 12.39 26.33
N GLY A 225 -13.64 11.08 26.26
CA GLY A 225 -14.87 10.44 25.76
C GLY A 225 -14.91 10.28 24.26
N ILE A 226 -13.80 10.60 23.63
CA ILE A 226 -13.67 10.71 22.19
C ILE A 226 -13.29 9.38 21.53
N ASP A 227 -14.10 8.89 20.61
CA ASP A 227 -13.86 7.64 19.86
C ASP A 227 -12.90 7.80 18.63
N LEU A 228 -11.86 6.96 18.56
CA LEU A 228 -11.02 6.88 17.36
C LEU A 228 -11.59 5.94 16.31
N THR A 229 -11.34 6.30 15.06
CA THR A 229 -11.54 5.39 13.92
C THR A 229 -10.20 5.08 13.29
N LYS A 230 -9.11 5.78 13.61
CA LYS A 230 -7.87 5.26 13.04
C LYS A 230 -6.63 5.69 13.73
N ILE A 231 -5.67 4.82 13.72
CA ILE A 231 -4.41 5.18 14.24
C ILE A 231 -3.26 4.41 13.53
N GLU A 232 -2.23 5.13 13.17
CA GLU A 232 -1.10 4.49 12.58
C GLU A 232 0.23 5.23 12.91
N SER A 233 1.24 4.45 13.22
CA SER A 233 2.56 5.02 13.30
C SER A 233 3.29 4.69 12.04
N ARG A 234 4.36 5.42 11.79
CA ARG A 234 5.41 5.03 10.85
C ARG A 234 6.62 5.82 11.35
N PRO A 235 7.87 5.41 11.04
CA PRO A 235 8.96 6.30 11.60
C PRO A 235 9.20 7.65 10.87
N SER A 236 9.61 8.66 11.62
CA SER A 236 10.18 9.88 11.04
C SER A 236 11.64 9.60 10.57
N ARG A 237 11.97 10.07 9.36
CA ARG A 237 13.27 9.77 8.72
C ARG A 237 14.43 10.75 9.04
N LYS A 238 14.15 12.05 8.97
CA LYS A 238 15.22 12.96 9.38
C LYS A 238 15.01 13.83 10.63
N LYS A 239 13.87 13.62 11.28
CA LYS A 239 13.88 13.91 12.71
C LYS A 239 14.29 12.67 13.50
N ALA A 240 15.43 12.81 14.19
CA ALA A 240 16.05 11.80 15.05
C ALA A 240 15.17 11.43 16.28
N PHE A 241 14.89 10.12 16.37
CA PHE A 241 14.02 9.46 17.36
C PHE A 241 12.52 9.87 17.43
N GLU A 242 11.86 10.00 16.29
CA GLU A 242 10.42 10.32 16.32
C GLU A 242 9.63 9.32 15.55
N TYR A 243 8.38 9.14 15.90
CA TYR A 243 7.45 8.53 14.94
C TYR A 243 6.47 9.53 14.61
N LEU A 244 5.93 9.37 13.42
CA LEU A 244 4.72 10.04 13.05
C LEU A 244 3.50 9.20 13.31
N PHE A 245 2.40 9.83 13.64
CA PHE A 245 1.15 9.11 13.87
C PHE A 245 0.03 9.74 13.13
N TYR A 246 -0.83 8.92 12.61
CA TYR A 246 -1.96 9.35 11.90
C TYR A 246 -3.05 8.89 12.81
N ALA A 247 -4.03 9.76 13.04
CA ALA A 247 -5.15 9.43 13.88
C ALA A 247 -6.33 10.18 13.38
N ASP A 248 -7.43 9.47 13.29
CA ASP A 248 -8.77 9.96 12.98
C ASP A 248 -9.59 9.56 14.17
N PHE A 249 -10.56 10.41 14.44
CA PHE A 249 -11.48 10.27 15.49
C PHE A 249 -12.79 11.03 15.21
N ILE A 250 -13.88 10.62 15.90
CA ILE A 250 -15.22 11.20 15.69
C ILE A 250 -15.27 12.50 16.49
N GLY A 251 -15.41 13.64 15.80
CA GLY A 251 -15.53 14.96 16.42
C GLY A 251 -15.15 16.13 15.52
N HIS A 252 -15.72 17.31 15.82
CA HIS A 252 -15.49 18.54 15.00
C HIS A 252 -14.34 19.33 15.69
N ARG A 253 -13.34 19.80 14.94
CA ARG A 253 -12.15 20.51 15.51
C ARG A 253 -12.45 21.72 16.38
N GLU A 254 -13.66 22.28 16.27
CA GLU A 254 -14.02 23.46 17.05
C GLU A 254 -14.78 23.08 18.32
N ASP A 255 -15.16 21.80 18.44
CA ASP A 255 -15.79 21.26 19.66
C ASP A 255 -14.84 21.50 20.78
N GLN A 256 -15.36 21.97 21.92
CA GLN A 256 -14.47 22.34 23.01
C GLN A 256 -13.72 21.13 23.56
N ASN A 257 -14.42 20.02 23.71
CA ASN A 257 -13.79 18.80 24.19
C ASN A 257 -12.65 18.41 23.24
N VAL A 258 -12.94 18.52 21.94
CA VAL A 258 -11.94 18.26 20.91
C VAL A 258 -10.76 19.22 21.05
N HIS A 259 -11.11 20.50 21.16
CA HIS A 259 -10.08 21.51 21.23
C HIS A 259 -9.21 21.23 22.48
N ASN A 260 -9.87 20.88 23.59
CA ASN A 260 -9.13 20.54 24.80
C ASN A 260 -8.19 19.35 24.55
N ALA A 261 -8.63 18.34 23.82
CA ALA A 261 -7.76 17.19 23.51
C ALA A 261 -6.45 17.54 22.81
N LEU A 262 -6.64 18.40 21.82
CA LEU A 262 -5.71 18.87 20.85
C LEU A 262 -4.63 19.72 21.51
N GLU A 263 -5.09 20.69 22.32
CA GLU A 263 -4.22 21.41 23.23
C GLU A 263 -3.47 20.46 24.20
N ASN A 264 -4.22 19.60 24.85
CA ASN A 264 -3.55 18.59 25.66
C ASN A 264 -2.33 17.92 24.90
N LEU A 265 -2.58 17.34 23.71
CA LEU A 265 -1.51 16.77 22.86
C LEU A 265 -0.26 17.66 22.58
N ARG A 266 -0.51 18.97 22.32
CA ARG A 266 0.53 19.93 21.94
C ARG A 266 1.49 20.18 23.10
N GLU A 267 1.04 19.83 24.30
CA GLU A 267 1.92 19.76 25.47
C GLU A 267 3.20 18.91 25.32
N PHE A 268 3.13 17.82 24.59
CA PHE A 268 4.29 16.90 24.48
C PHE A 268 4.51 16.34 23.06
N ALA A 269 3.49 16.43 22.18
CA ALA A 269 3.70 16.19 20.75
C ALA A 269 4.78 17.13 20.21
N THR A 270 5.65 16.65 19.34
CA THR A 270 6.66 17.56 18.75
C THR A 270 6.05 18.46 17.67
N MSE A 271 4.94 18.02 17.14
CA MSE A 271 4.17 18.78 16.21
C MSE A 271 2.84 18.11 16.21
O MSE A 271 2.79 16.90 16.39
CB MSE A 271 4.75 18.58 14.84
CG MSE A 271 3.79 19.05 13.82
SE MSE A 271 3.42 17.67 12.55
CE MSE A 271 1.92 16.67 13.17
N VAL A 272 1.78 18.89 16.01
CA VAL A 272 0.46 18.45 15.59
C VAL A 272 0.04 19.21 14.34
N LYS A 273 -0.47 18.49 13.32
CA LYS A 273 -1.27 19.15 12.29
C LYS A 273 -2.72 18.62 12.20
N VAL A 274 -3.69 19.51 12.07
CA VAL A 274 -5.02 19.06 11.78
C VAL A 274 -5.22 19.13 10.23
N LEU A 275 -5.40 17.98 9.60
CA LEU A 275 -5.70 17.92 8.19
C LEU A 275 -7.19 18.27 7.92
N GLY A 276 -8.10 18.08 8.87
CA GLY A 276 -9.47 18.66 8.69
C GLY A 276 -10.52 17.93 9.48
N SER A 277 -11.67 18.54 9.67
CA SER A 277 -12.89 17.88 10.12
C SER A 277 -13.82 17.84 8.94
N TYR A 278 -14.42 16.68 8.68
CA TYR A 278 -15.13 16.40 7.39
C TYR A 278 -16.17 15.27 7.51
N GLY A 279 -17.14 15.27 6.62
CA GLY A 279 -18.23 14.30 6.60
C GLY A 279 -17.97 13.40 5.40
N VAL A 280 -18.99 12.65 4.99
CA VAL A 280 -18.75 11.59 4.01
C VAL A 280 -19.71 11.76 2.88
N VAL A 281 -19.19 11.46 1.71
CA VAL A 281 -19.97 11.43 0.50
C VAL A 281 -20.03 9.95 0.07
N ASN A 282 -21.27 9.53 -0.19
CA ASN A 282 -21.64 8.17 -0.48
C ASN A 282 -21.74 7.95 -1.97
N PRO A 283 -21.59 6.69 -2.41
CA PRO A 283 -22.06 6.50 -3.76
C PRO A 283 -23.58 6.61 -3.65
N ASN B 6 22.12 -26.08 0.99
CA ASN B 6 21.41 -24.76 1.21
C ASN B 6 19.89 -24.78 0.86
N TRP B 7 19.11 -23.95 1.56
CA TRP B 7 17.68 -24.22 1.91
C TRP B 7 16.68 -23.26 1.22
N LEU B 8 15.45 -23.72 1.05
CA LEU B 8 14.56 -23.14 0.07
C LEU B 8 13.71 -22.05 0.68
N ILE B 9 13.82 -20.85 0.13
CA ILE B 9 13.05 -19.68 0.58
C ILE B 9 12.06 -19.31 -0.50
N ALA B 10 10.81 -19.67 -0.29
CA ALA B 10 9.78 -19.29 -1.24
C ALA B 10 9.54 -17.78 -1.21
N TYR B 11 9.38 -17.19 -2.39
CA TYR B 11 9.06 -15.79 -2.53
C TYR B 11 8.22 -15.55 -3.78
N GLN B 12 7.48 -14.44 -3.80
CA GLN B 12 6.68 -14.07 -4.96
C GLN B 12 7.45 -13.21 -5.96
N GLY B 13 7.60 -13.73 -7.16
CA GLY B 13 8.10 -13.02 -8.34
C GLY B 13 9.05 -13.96 -9.11
N GLU B 14 9.94 -13.36 -9.87
CA GLU B 14 10.98 -14.08 -10.63
C GLU B 14 12.39 -13.54 -10.27
N PRO B 15 13.47 -14.28 -10.64
CA PRO B 15 14.81 -13.83 -10.31
C PRO B 15 15.01 -12.41 -10.77
N GLY B 16 15.74 -11.63 -9.97
CA GLY B 16 15.90 -10.17 -10.20
C GLY B 16 15.12 -9.37 -9.17
N ALA B 17 13.87 -9.80 -8.95
CA ALA B 17 12.92 -9.10 -8.05
C ALA B 17 13.50 -8.74 -6.67
N TYR B 18 12.97 -7.64 -6.10
CA TYR B 18 13.24 -7.29 -4.71
C TYR B 18 12.93 -8.38 -3.68
N SER B 19 11.78 -9.05 -3.86
CA SER B 19 11.36 -10.17 -3.07
C SER B 19 12.39 -11.30 -3.17
N GLU B 20 13.25 -11.30 -4.18
CA GLU B 20 14.25 -12.36 -4.37
C GLU B 20 15.53 -11.98 -3.63
N ILE B 21 15.88 -10.72 -3.75
CA ILE B 21 16.93 -10.10 -2.97
C ILE B 21 16.67 -10.48 -1.49
N ALA B 22 15.40 -10.35 -1.04
CA ALA B 22 15.00 -10.67 0.35
C ALA B 22 15.06 -12.18 0.65
N ALA B 23 14.64 -13.00 -0.29
CA ALA B 23 14.74 -14.44 -0.17
C ALA B 23 16.16 -14.87 0.14
N LEU B 24 17.10 -14.21 -0.53
CA LEU B 24 18.49 -14.60 -0.57
C LEU B 24 19.23 -14.23 0.68
N ARG B 25 18.59 -13.54 1.59
CA ARG B 25 19.32 -13.27 2.82
C ARG B 25 19.10 -14.44 3.79
N PHE B 26 18.27 -15.39 3.34
CA PHE B 26 17.76 -16.50 4.14
C PHE B 26 18.06 -17.91 3.59
N GLY B 27 18.18 -18.06 2.26
CA GLY B 27 18.53 -19.35 1.63
C GLY B 27 18.60 -19.37 0.10
N GLU B 28 18.12 -20.46 -0.50
CA GLU B 28 17.90 -20.57 -1.95
C GLU B 28 16.46 -20.15 -2.34
N PRO B 29 16.32 -19.14 -3.20
CA PRO B 29 14.95 -18.66 -3.51
C PRO B 29 14.10 -19.56 -4.43
N LEU B 30 12.85 -19.81 -4.07
CA LEU B 30 11.88 -20.57 -4.87
C LEU B 30 10.75 -19.66 -5.32
N PRO B 31 10.76 -19.30 -6.61
CA PRO B 31 9.91 -18.24 -7.09
C PRO B 31 8.52 -18.79 -7.28
N CYS B 32 7.54 -17.95 -6.99
CA CYS B 32 6.19 -18.38 -6.94
C CYS B 32 5.37 -17.32 -7.63
N GLU B 33 4.21 -17.72 -8.12
CA GLU B 33 3.35 -16.85 -8.91
C GLU B 33 2.44 -16.04 -8.03
N SER B 34 1.95 -16.65 -6.94
CA SER B 34 1.10 -15.96 -5.95
C SER B 34 1.78 -15.94 -4.58
N PHE B 35 1.44 -14.97 -3.72
CA PHE B 35 1.64 -15.16 -2.27
C PHE B 35 0.89 -16.38 -1.74
N ASP B 36 -0.32 -16.62 -2.24
CA ASP B 36 -1.05 -17.85 -1.95
C ASP B 36 -0.20 -19.08 -2.19
N ASP B 37 0.46 -19.11 -3.33
CA ASP B 37 1.39 -20.16 -3.66
C ASP B 37 2.56 -20.12 -2.70
N VAL B 38 2.99 -18.91 -2.32
CA VAL B 38 4.12 -18.75 -1.38
C VAL B 38 3.82 -19.40 -0.02
N PHE B 39 2.68 -19.05 0.58
CA PHE B 39 2.26 -19.65 1.86
C PHE B 39 1.95 -21.13 1.62
N SER B 40 1.16 -21.44 0.60
CA SER B 40 0.77 -22.82 0.44
C SER B 40 2.03 -23.63 0.21
N ALA B 41 3.11 -22.95 -0.18
CA ALA B 41 4.37 -23.65 -0.36
C ALA B 41 4.92 -24.11 0.98
N VAL B 42 4.91 -23.23 1.99
CA VAL B 42 5.33 -23.67 3.32
C VAL B 42 4.25 -24.57 3.92
N THR B 43 3.07 -24.03 4.20
CA THR B 43 1.87 -24.76 4.74
C THR B 43 1.66 -26.20 4.22
N GLU B 44 2.54 -26.65 3.32
CA GLU B 44 2.54 -28.03 2.83
C GLU B 44 3.93 -28.39 2.27
N GLN B 45 4.97 -27.85 2.94
CA GLN B 45 6.35 -28.40 2.92
C GLN B 45 7.02 -28.51 1.57
N LYS B 46 6.58 -27.72 0.60
CA LYS B 46 7.26 -27.61 -0.69
C LYS B 46 8.59 -26.82 -0.44
N ALA B 47 8.53 -25.94 0.57
CA ALA B 47 9.64 -25.09 1.04
C ALA B 47 9.54 -24.91 2.57
N ASP B 48 10.68 -24.67 3.22
CA ASP B 48 10.68 -24.55 4.68
C ASP B 48 10.39 -23.15 5.20
N TYR B 49 10.81 -22.13 4.43
CA TYR B 49 10.57 -20.76 4.72
C TYR B 49 10.04 -20.01 3.55
N ALA B 50 9.56 -18.80 3.83
CA ALA B 50 9.05 -17.86 2.85
C ALA B 50 9.44 -16.48 3.29
N VAL B 51 9.51 -15.55 2.35
CA VAL B 51 9.95 -14.21 2.61
C VAL B 51 8.75 -13.40 2.15
N ILE B 52 8.10 -12.71 3.08
CA ILE B 52 6.82 -11.97 2.78
C ILE B 52 7.00 -10.50 2.93
N PRO B 53 6.62 -9.72 1.88
CA PRO B 53 6.59 -8.30 2.09
C PRO B 53 5.41 -7.85 2.97
N ILE B 54 5.75 -7.05 3.98
CA ILE B 54 4.78 -6.63 4.97
C ILE B 54 4.44 -5.08 4.97
N GLU B 55 5.44 -4.26 4.69
CA GLU B 55 5.17 -2.86 4.40
C GLU B 55 6.28 -2.22 3.58
N ASN B 56 5.91 -1.07 3.02
CA ASN B 56 6.78 -0.22 2.27
C ASN B 56 6.57 1.22 2.76
N SER B 57 7.71 1.89 2.85
CA SER B 57 7.77 3.22 3.44
C SER B 57 6.88 4.20 2.60
N LEU B 58 6.57 3.84 1.35
CA LEU B 58 5.84 4.72 0.45
C LEU B 58 4.38 4.38 0.37
N GLY B 59 4.05 3.09 0.27
CA GLY B 59 2.64 2.64 0.29
C GLY B 59 2.51 2.46 1.79
N GLY B 60 1.81 1.45 2.24
CA GLY B 60 1.87 1.16 3.67
C GLY B 60 2.02 -0.31 3.94
N SER B 61 1.24 -0.74 4.93
CA SER B 61 1.20 -2.12 5.34
C SER B 61 0.62 -2.92 4.24
N ILE B 62 1.06 -4.15 4.01
CA ILE B 62 0.22 -4.87 3.14
C ILE B 62 -0.89 -5.75 3.77
N HIS B 63 -2.08 -5.15 3.86
CA HIS B 63 -3.22 -5.78 4.60
C HIS B 63 -3.56 -7.18 4.18
N GLN B 64 -3.62 -7.37 2.88
CA GLN B 64 -3.79 -8.67 2.30
C GLN B 64 -2.80 -9.77 2.78
N ASN B 65 -1.51 -9.44 2.95
CA ASN B 65 -0.49 -10.30 3.56
C ASN B 65 -0.63 -10.54 5.08
N TYR B 66 -0.81 -9.47 5.86
CA TYR B 66 -1.17 -9.61 7.27
C TYR B 66 -2.35 -10.58 7.38
N ASP B 67 -3.39 -10.32 6.57
CA ASP B 67 -4.52 -11.23 6.33
C ASP B 67 -4.18 -12.69 6.26
N LEU B 68 -3.18 -13.07 5.46
CA LEU B 68 -2.79 -14.48 5.30
C LEU B 68 -1.87 -14.97 6.43
N LEU B 69 -1.04 -14.07 6.97
CA LEU B 69 -0.19 -14.35 8.14
C LEU B 69 -1.04 -14.76 9.39
N LEU B 70 -2.24 -14.22 9.47
CA LEU B 70 -3.18 -14.51 10.54
C LEU B 70 -3.98 -15.76 10.28
N ARG B 71 -4.16 -16.10 9.00
CA ARG B 71 -4.98 -17.28 8.63
C ARG B 71 -4.09 -18.49 8.39
N ARG B 72 -2.76 -18.27 8.43
CA ARG B 72 -1.85 -19.38 8.16
C ARG B 72 -0.96 -19.86 9.29
N PRO B 73 -0.79 -21.22 9.36
CA PRO B 73 -0.06 -21.94 10.41
C PRO B 73 1.41 -21.66 10.18
N VAL B 74 1.76 -20.45 10.55
CA VAL B 74 3.00 -19.87 10.21
C VAL B 74 3.43 -18.84 11.31
N VAL B 75 4.71 -18.54 11.38
CA VAL B 75 5.40 -17.88 12.51
C VAL B 75 6.52 -16.98 11.96
N ILE B 76 6.52 -15.68 12.27
CA ILE B 76 7.75 -14.89 11.89
C ILE B 76 9.10 -15.39 12.52
N LEU B 77 10.07 -15.72 11.72
CA LEU B 77 11.37 -16.10 12.26
C LEU B 77 12.43 -14.96 12.26
N ALA B 78 12.15 -13.89 11.49
CA ALA B 78 13.09 -12.79 11.18
C ALA B 78 12.36 -11.75 10.45
N GLU B 79 13.00 -10.59 10.41
CA GLU B 79 12.57 -9.54 9.52
C GLU B 79 13.84 -9.06 8.83
N THR B 80 13.92 -8.62 7.59
CA THR B 80 14.84 -7.66 6.99
C THR B 80 14.12 -6.65 6.11
N PHE B 81 14.85 -5.59 5.83
CA PHE B 81 14.51 -4.32 5.21
C PHE B 81 15.27 -4.22 3.89
N VAL B 82 14.54 -4.17 2.79
CA VAL B 82 15.17 -4.05 1.46
C VAL B 82 14.88 -2.67 0.88
N LYS B 83 15.98 -1.91 0.65
CA LYS B 83 16.02 -0.59 -0.05
C LYS B 83 15.68 -0.80 -1.54
N VAL B 84 14.53 -0.30 -1.97
CA VAL B 84 14.04 -0.58 -3.31
C VAL B 84 14.71 0.41 -4.19
N GLU B 85 15.79 0.01 -4.84
CA GLU B 85 16.61 0.98 -5.58
C GLU B 85 16.52 0.67 -7.05
N HIS B 86 15.86 1.55 -7.81
CA HIS B 86 15.66 1.35 -9.25
C HIS B 86 16.87 1.73 -10.07
N CYS B 87 17.15 0.92 -11.08
CA CYS B 87 18.22 1.24 -12.01
C CYS B 87 17.67 1.29 -13.40
N LEU B 88 18.27 2.17 -14.23
CA LEU B 88 18.06 2.10 -15.65
C LEU B 88 19.06 1.10 -16.19
N LEU B 89 18.50 0.08 -16.81
CA LEU B 89 19.30 -0.93 -17.34
C LEU B 89 19.20 -0.97 -18.84
N GLY B 90 20.30 -1.38 -19.44
CA GLY B 90 20.43 -1.45 -20.89
C GLY B 90 21.43 -2.52 -21.30
N LEU B 91 21.42 -2.86 -22.58
CA LEU B 91 22.43 -3.78 -23.16
C LEU B 91 23.81 -3.11 -23.22
N PRO B 92 24.91 -3.89 -23.13
CA PRO B 92 26.24 -3.31 -23.38
C PRO B 92 26.24 -2.44 -24.63
N GLY B 93 26.64 -1.18 -24.51
CA GLY B 93 26.64 -0.27 -25.65
C GLY B 93 25.48 0.71 -25.70
N ALA B 94 24.39 0.39 -24.99
CA ALA B 94 23.19 1.19 -24.92
C ALA B 94 23.42 2.53 -24.22
N SER B 95 22.47 3.44 -24.45
CA SER B 95 22.65 4.85 -24.18
C SER B 95 21.33 5.43 -23.76
N VAL B 96 21.38 6.37 -22.82
CA VAL B 96 20.21 7.19 -22.56
C VAL B 96 19.92 8.16 -23.74
N GLU B 97 20.95 8.61 -24.43
CA GLU B 97 20.67 9.48 -25.55
C GLU B 97 20.31 8.69 -26.77
N THR B 98 20.28 7.39 -26.64
CA THR B 98 20.10 6.54 -27.79
C THR B 98 18.84 5.69 -27.67
N ALA B 99 18.35 5.59 -26.43
CA ALA B 99 17.23 4.73 -26.05
C ALA B 99 15.91 5.35 -26.45
N THR B 100 14.90 4.50 -26.57
CA THR B 100 13.63 4.82 -27.21
C THR B 100 12.45 4.47 -26.29
N LYS B 101 12.69 3.49 -25.41
CA LYS B 101 11.71 2.88 -24.52
C LYS B 101 12.39 2.70 -23.18
N ALA B 102 11.65 2.86 -22.08
CA ALA B 102 12.00 2.18 -20.82
C ALA B 102 10.81 1.35 -20.33
N MSE B 103 11.10 0.08 -20.08
CA MSE B 103 10.13 -0.88 -19.63
C MSE B 103 10.32 -1.15 -18.14
O MSE B 103 11.44 -1.34 -17.63
CB MSE B 103 10.25 -2.18 -20.41
CG MSE B 103 10.00 -2.12 -21.92
SE MSE B 103 10.36 -3.93 -22.70
CE MSE B 103 12.36 -4.08 -22.58
N SER B 104 9.21 -1.09 -17.42
CA SER B 104 9.15 -1.49 -16.04
C SER B 104 7.70 -1.67 -15.59
N HIS B 105 7.54 -2.12 -14.34
CA HIS B 105 6.23 -2.14 -13.69
C HIS B 105 5.63 -0.75 -13.68
N PRO B 106 4.32 -0.60 -13.95
CA PRO B 106 3.76 0.77 -13.97
C PRO B 106 4.07 1.63 -12.72
N GLN B 107 3.94 1.06 -11.53
CA GLN B 107 4.44 1.71 -10.31
C GLN B 107 5.94 2.13 -10.30
N ALA B 108 6.89 1.35 -10.84
CA ALA B 108 8.29 1.85 -10.92
C ALA B 108 8.41 2.97 -11.99
N LEU B 109 7.66 2.82 -13.07
CA LEU B 109 7.53 3.89 -14.08
C LEU B 109 7.16 5.24 -13.38
N VAL B 110 6.10 5.18 -12.56
CA VAL B 110 5.46 6.36 -12.00
C VAL B 110 6.32 6.86 -10.87
N GLN B 111 6.99 5.98 -10.16
CA GLN B 111 8.01 6.42 -9.20
C GLN B 111 9.29 7.04 -9.81
N CYS B 112 9.55 6.88 -11.11
CA CYS B 112 10.67 7.59 -11.77
C CYS B 112 10.12 8.68 -12.73
N HIS B 113 8.97 9.23 -12.38
CA HIS B 113 8.21 10.16 -13.21
C HIS B 113 9.02 11.36 -13.68
N ASN B 114 9.91 11.86 -12.81
CA ASN B 114 10.76 13.00 -13.22
C ASN B 114 11.67 12.58 -14.33
N PHE B 115 12.29 11.43 -14.18
CA PHE B 115 13.18 10.94 -15.23
C PHE B 115 12.53 11.03 -16.62
N PHE B 116 11.26 10.60 -16.67
CA PHE B 116 10.51 10.49 -17.91
C PHE B 116 10.13 11.86 -18.44
N ALA B 117 9.76 12.75 -17.50
CA ALA B 117 9.46 14.15 -17.80
C ALA B 117 10.67 14.79 -18.41
N THR B 118 11.83 14.64 -17.80
CA THR B 118 13.06 15.24 -18.32
C THR B 118 13.71 14.57 -19.48
N HIS B 119 13.26 13.35 -19.83
CA HIS B 119 13.69 12.63 -21.05
C HIS B 119 12.56 12.20 -21.99
N PRO B 120 11.87 13.14 -22.66
CA PRO B 120 10.70 12.79 -23.49
C PRO B 120 11.01 11.87 -24.70
N GLN B 121 12.26 11.76 -25.11
CA GLN B 121 12.66 10.85 -26.17
C GLN B 121 12.31 9.40 -25.78
N ILE B 122 12.36 9.12 -24.48
CA ILE B 122 12.31 7.74 -23.97
C ILE B 122 10.90 7.42 -23.48
N ARG B 123 10.16 6.62 -24.20
CA ARG B 123 8.82 6.37 -23.74
C ARG B 123 8.67 5.33 -22.67
N ALA B 124 7.91 5.70 -21.66
CA ALA B 124 7.57 4.83 -20.56
C ALA B 124 6.69 3.69 -21.10
N GLU B 125 7.06 2.46 -20.78
CA GLU B 125 6.27 1.32 -21.24
C GLU B 125 6.12 0.24 -20.20
N ALA B 126 4.85 0.02 -19.88
CA ALA B 126 4.36 -0.90 -18.87
C ALA B 126 4.79 -2.34 -19.20
N ALA B 127 5.17 -3.08 -18.13
CA ALA B 127 5.53 -4.50 -18.17
C ALA B 127 5.06 -5.09 -16.88
N TYR B 128 5.00 -6.43 -16.84
CA TYR B 128 4.41 -7.18 -15.73
C TYR B 128 5.09 -6.92 -14.41
N ASP B 129 6.41 -6.82 -14.43
CA ASP B 129 7.17 -6.52 -13.25
C ASP B 129 8.53 -5.91 -13.63
N THR B 130 9.38 -5.60 -12.65
CA THR B 130 10.67 -5.01 -12.92
C THR B 130 11.73 -5.97 -13.52
N ALA B 131 11.79 -7.20 -13.01
CA ALA B 131 12.87 -8.12 -13.34
C ALA B 131 12.68 -8.65 -14.78
N GLY B 132 11.40 -8.93 -15.11
CA GLY B 132 10.97 -9.42 -16.40
C GLY B 132 11.19 -8.43 -17.51
N SER B 133 11.23 -7.17 -17.10
CA SER B 133 11.65 -6.03 -17.94
C SER B 133 13.14 -6.11 -18.27
N ALA B 134 14.01 -6.37 -17.28
CA ALA B 134 15.45 -6.61 -17.60
C ALA B 134 15.66 -7.86 -18.49
N LYS B 135 14.79 -8.86 -18.31
CA LYS B 135 14.79 -10.08 -19.11
C LYS B 135 14.45 -9.83 -20.57
N MSE B 136 13.32 -9.13 -20.78
CA MSE B 136 12.88 -8.69 -22.11
C MSE B 136 13.90 -7.88 -22.84
O MSE B 136 13.98 -7.95 -24.06
CB MSE B 136 11.58 -7.91 -22.07
CG MSE B 136 10.43 -8.81 -21.92
SE MSE B 136 8.75 -7.83 -22.10
CE MSE B 136 7.42 -9.33 -22.08
N VAL B 137 14.67 -7.11 -22.12
CA VAL B 137 15.66 -6.24 -22.77
C VAL B 137 16.81 -7.08 -23.37
N ALA B 138 17.23 -8.08 -22.60
CA ALA B 138 18.30 -9.02 -22.96
C ALA B 138 17.94 -9.99 -24.12
N GLU B 139 16.71 -10.48 -24.07
CA GLU B 139 16.11 -11.38 -25.05
C GLU B 139 15.77 -10.78 -26.40
N SER B 140 15.37 -9.50 -26.41
CA SER B 140 15.04 -8.76 -27.64
C SER B 140 16.25 -8.22 -28.39
N ARG B 141 17.36 -8.05 -27.66
CA ARG B 141 18.64 -7.59 -28.23
C ARG B 141 18.58 -6.29 -29.05
N ASP B 142 17.69 -5.37 -28.69
CA ASP B 142 17.91 -4.04 -29.21
C ASP B 142 18.35 -3.03 -28.16
N LYS B 143 19.29 -2.19 -28.54
CA LYS B 143 20.03 -1.42 -27.56
C LYS B 143 19.23 -0.16 -27.31
N SER B 144 18.13 -0.02 -28.06
CA SER B 144 17.25 1.14 -27.89
C SER B 144 16.14 0.96 -26.84
N ALA B 145 16.07 -0.22 -26.25
CA ALA B 145 15.03 -0.52 -25.29
C ALA B 145 15.70 -0.80 -23.97
N LEU B 146 15.25 -0.09 -22.94
CA LEU B 146 15.87 -0.20 -21.63
C LEU B 146 14.85 -0.74 -20.62
N ALA B 147 15.31 -1.04 -19.42
CA ALA B 147 14.39 -1.47 -18.35
C ALA B 147 14.67 -0.67 -17.13
N ILE B 148 13.64 -0.53 -16.29
CA ILE B 148 13.82 -0.13 -14.90
C ILE B 148 13.62 -1.28 -13.91
N ALA B 149 14.71 -1.63 -13.23
CA ALA B 149 14.73 -2.84 -12.43
C ALA B 149 15.89 -2.76 -11.44
N SER B 150 15.99 -3.83 -10.61
CA SER B 150 17.03 -3.88 -9.60
C SER B 150 18.40 -4.05 -10.20
N LYS B 151 19.44 -3.80 -9.43
CA LYS B 151 20.79 -4.06 -9.89
C LYS B 151 20.97 -5.58 -10.09
N ARG B 152 20.35 -6.36 -9.21
CA ARG B 152 20.34 -7.81 -9.32
C ARG B 152 19.77 -8.17 -10.72
N ALA B 153 18.60 -7.63 -11.09
CA ALA B 153 17.96 -8.05 -12.35
C ALA B 153 18.88 -7.82 -13.56
N GLY B 154 19.66 -6.75 -13.48
CA GLY B 154 20.61 -6.39 -14.52
C GLY B 154 21.81 -7.32 -14.56
N GLU B 155 22.31 -7.74 -13.39
CA GLU B 155 23.49 -8.64 -13.35
C GLU B 155 23.23 -10.01 -13.94
N LEU B 156 22.19 -10.64 -13.39
CA LEU B 156 21.52 -11.80 -13.95
C LEU B 156 21.41 -11.77 -15.45
N TYR B 157 21.02 -10.62 -15.98
CA TYR B 157 20.79 -10.50 -17.40
C TYR B 157 21.95 -9.91 -18.18
N GLY B 158 23.08 -9.70 -17.55
CA GLY B 158 24.23 -9.05 -18.23
C GLY B 158 23.96 -7.66 -18.83
N LEU B 159 22.94 -6.95 -18.33
CA LEU B 159 22.66 -5.55 -18.68
C LEU B 159 23.57 -4.60 -17.93
N ASP B 160 24.02 -3.55 -18.63
CA ASP B 160 24.75 -2.45 -17.99
C ASP B 160 23.77 -1.58 -17.19
N ILE B 161 24.30 -0.95 -16.12
CA ILE B 161 23.59 0.04 -15.30
C ILE B 161 23.89 1.41 -15.86
N LEU B 162 22.87 2.05 -16.38
CA LEU B 162 23.08 3.34 -17.02
C LEU B 162 22.90 4.49 -16.03
N LYS B 163 21.93 4.35 -15.11
CA LYS B 163 21.82 5.29 -14.00
C LYS B 163 21.34 4.65 -12.72
N GLU B 164 22.10 4.92 -11.65
CA GLU B 164 21.74 4.47 -10.29
C GLU B 164 20.89 5.58 -9.66
N ASN B 165 19.75 5.16 -9.10
CA ASN B 165 18.83 6.00 -8.32
C ASN B 165 17.99 6.91 -9.20
N LEU B 166 17.14 6.23 -9.96
CA LEU B 166 16.29 6.83 -10.98
C LEU B 166 14.99 7.42 -10.40
N ALA B 167 14.56 6.88 -9.28
CA ALA B 167 13.30 7.31 -8.67
C ALA B 167 13.30 8.75 -8.15
N ASP B 168 12.11 9.34 -8.13
CA ASP B 168 11.83 10.63 -7.49
C ASP B 168 12.23 10.68 -6.00
N GLU B 169 11.88 9.64 -5.24
CA GLU B 169 12.11 9.57 -3.78
C GLU B 169 13.29 8.66 -3.45
N GLU B 170 14.28 9.22 -2.75
CA GLU B 170 15.50 8.51 -2.32
C GLU B 170 15.30 7.45 -1.23
N TRP B 171 14.15 7.46 -0.53
CA TRP B 171 13.87 6.55 0.61
C TRP B 171 12.67 5.57 0.37
N ASN B 172 12.99 4.48 -0.31
CA ASN B 172 12.01 3.48 -0.65
C ASN B 172 12.55 2.22 -0.07
N ILE B 173 11.77 1.62 0.82
CA ILE B 173 12.24 0.52 1.64
C ILE B 173 11.07 -0.36 1.90
N THR B 174 11.26 -1.63 1.57
CA THR B 174 10.32 -2.68 1.91
C THR B 174 10.83 -3.59 3.05
N ARG B 175 9.97 -3.73 4.06
CA ARG B 175 10.17 -4.62 5.19
C ARG B 175 9.47 -6.01 4.93
N PHE B 176 10.29 -7.05 5.00
CA PHE B 176 9.93 -8.40 4.79
C PHE B 176 10.07 -9.23 6.09
N PHE B 177 9.11 -10.16 6.25
CA PHE B 177 9.22 -11.23 7.23
C PHE B 177 9.67 -12.50 6.56
N CYS B 178 10.72 -13.09 7.16
CA CYS B 178 11.00 -14.46 6.91
C CYS B 178 10.11 -15.36 7.75
N ILE B 179 9.34 -16.22 7.08
CA ILE B 179 8.39 -17.05 7.83
C ILE B 179 8.64 -18.52 7.63
N ALA B 180 7.99 -19.33 8.47
CA ALA B 180 8.08 -20.79 8.49
C ALA B 180 6.77 -21.36 8.98
N HIS B 181 6.62 -22.67 8.91
CA HIS B 181 5.49 -23.36 9.51
C HIS B 181 5.59 -23.29 11.01
N GLU B 182 4.45 -22.91 11.61
CA GLU B 182 4.14 -22.92 13.01
C GLU B 182 4.99 -23.95 13.79
N ASN B 183 4.86 -25.22 13.44
CA ASN B 183 5.57 -26.25 14.20
C ASN B 183 6.75 -26.81 13.44
N ASN B 184 7.30 -25.96 12.58
CA ASN B 184 8.64 -26.12 12.03
C ASN B 184 9.33 -24.74 12.07
N PRO B 185 9.53 -24.20 13.29
CA PRO B 185 10.05 -22.85 13.47
C PRO B 185 11.59 -22.80 13.62
N ASP B 186 12.26 -23.60 12.82
CA ASP B 186 13.72 -23.80 12.88
C ASP B 186 14.58 -22.61 12.44
N ILE B 187 15.21 -21.91 13.36
CA ILE B 187 16.21 -20.95 12.93
C ILE B 187 17.53 -21.51 12.40
N SER B 188 17.94 -22.71 12.79
CA SER B 188 19.30 -23.26 12.38
C SER B 188 19.55 -23.25 10.89
N HIS B 189 18.48 -23.45 10.12
CA HIS B 189 18.56 -23.67 8.69
C HIS B 189 18.16 -22.49 7.85
N LEU B 190 18.13 -21.29 8.46
CA LEU B 190 18.35 -20.02 7.77
C LEU B 190 19.88 -19.92 7.51
N LYS B 191 20.29 -18.98 6.65
CA LYS B 191 21.68 -18.95 6.21
C LYS B 191 22.59 -18.19 7.14
N VAL B 192 22.00 -17.24 7.83
CA VAL B 192 22.60 -16.58 8.99
C VAL B 192 21.50 -16.34 10.04
N ARG B 193 21.85 -16.57 11.29
CA ARG B 193 20.97 -16.25 12.42
C ARG B 193 20.68 -14.77 12.52
N PRO B 194 19.36 -14.43 12.68
CA PRO B 194 18.86 -13.11 12.97
C PRO B 194 19.53 -12.57 14.23
N ASP B 195 19.95 -11.32 14.13
CA ASP B 195 20.28 -10.47 15.26
C ASP B 195 19.09 -10.35 16.23
N VAL B 196 19.29 -10.90 17.42
CA VAL B 196 18.25 -11.08 18.45
C VAL B 196 18.51 -10.21 19.76
N ALA B 197 19.49 -9.30 19.71
CA ALA B 197 19.80 -8.34 20.81
C ALA B 197 18.62 -7.43 21.22
N ARG B 198 17.94 -6.94 20.20
CA ARG B 198 16.85 -6.02 20.42
C ARG B 198 15.62 -6.67 19.80
N GLN B 199 15.56 -8.00 19.94
CA GLN B 199 14.40 -8.81 19.61
C GLN B 199 13.03 -8.11 19.62
N LYS B 200 12.23 -8.36 18.60
CA LYS B 200 10.94 -7.65 18.46
C LYS B 200 9.82 -8.69 18.49
N THR B 201 8.65 -8.35 18.96
CA THR B 201 7.52 -9.32 18.89
C THR B 201 6.38 -8.64 18.14
N SER B 202 5.71 -9.38 17.28
CA SER B 202 4.62 -8.87 16.42
C SER B 202 3.38 -9.56 16.87
N ILE B 203 2.30 -8.84 17.08
CA ILE B 203 1.06 -9.53 17.42
C ILE B 203 -0.03 -8.94 16.58
N VAL B 204 -1.17 -9.62 16.53
CA VAL B 204 -2.35 -8.90 16.08
C VAL B 204 -3.47 -9.17 17.04
N PHE B 205 -4.38 -8.21 17.19
CA PHE B 205 -5.58 -8.43 17.99
C PHE B 205 -6.73 -7.61 17.53
N ALA B 206 -7.87 -8.02 18.03
CA ALA B 206 -9.13 -7.46 17.66
C ALA B 206 -9.80 -7.08 18.98
N LEU B 207 -10.45 -5.92 19.00
CA LEU B 207 -11.19 -5.38 20.15
C LEU B 207 -12.63 -5.07 19.76
N PRO B 208 -13.59 -5.27 20.65
CA PRO B 208 -14.96 -4.75 20.47
C PRO B 208 -14.87 -3.24 20.48
N ASN B 209 -15.48 -2.56 19.51
CA ASN B 209 -15.15 -1.15 19.31
C ASN B 209 -15.77 -0.12 20.30
N GLU B 210 -15.40 -0.23 21.57
CA GLU B 210 -15.83 0.73 22.58
C GLU B 210 -14.84 1.84 22.58
N GLN B 211 -15.34 3.04 22.86
CA GLN B 211 -14.47 4.21 23.01
C GLN B 211 -13.47 3.84 24.14
N GLY B 212 -12.20 4.22 23.98
CA GLY B 212 -11.15 3.88 24.99
C GLY B 212 -10.50 2.53 24.90
N SER B 213 -11.13 1.59 24.17
CA SER B 213 -10.50 0.26 23.83
C SER B 213 -8.95 0.24 23.58
N LEU B 214 -8.50 1.07 22.70
CA LEU B 214 -7.13 0.97 22.30
C LEU B 214 -6.12 1.43 23.43
N PHE B 215 -6.52 2.54 24.07
CA PHE B 215 -5.95 3.07 25.27
C PHE B 215 -5.81 1.99 26.32
N ARG B 216 -6.92 1.37 26.64
CA ARG B 216 -6.98 0.24 27.54
C ARG B 216 -6.12 -0.93 27.16
N ALA B 217 -6.03 -1.26 25.85
CA ALA B 217 -5.10 -2.27 25.31
C ALA B 217 -3.58 -1.88 25.33
N LEU B 218 -3.31 -0.63 25.02
CA LEU B 218 -1.98 -0.11 25.02
C LEU B 218 -1.49 0.00 26.45
N ALA B 219 -2.44 0.26 27.38
CA ALA B 219 -2.17 0.39 28.83
C ALA B 219 -1.41 -0.82 29.29
N THR B 220 -1.86 -1.91 28.75
CA THR B 220 -1.28 -3.21 28.91
C THR B 220 0.28 -3.30 28.70
N PHE B 221 0.80 -2.63 27.67
CA PHE B 221 2.25 -2.63 27.39
C PHE B 221 2.89 -1.47 28.10
N ALA B 222 2.23 -0.30 28.06
CA ALA B 222 2.85 0.94 28.47
C ALA B 222 3.08 1.01 29.98
N LEU B 223 2.10 0.53 30.77
CA LEU B 223 2.28 0.60 32.23
C LEU B 223 3.24 -0.48 32.68
N ARG B 224 3.73 -1.24 31.69
CA ARG B 224 4.61 -2.38 31.96
C ARG B 224 6.11 -2.14 31.51
N GLY B 225 6.41 -0.94 31.07
CA GLY B 225 7.73 -0.54 30.59
C GLY B 225 8.02 -0.99 29.15
N ILE B 226 6.98 -1.46 28.45
CA ILE B 226 7.21 -2.10 27.15
C ILE B 226 7.08 -1.04 26.02
N ASP B 227 8.12 -0.98 25.16
CA ASP B 227 8.24 0.00 24.10
C ASP B 227 7.75 -0.48 22.72
N LEU B 228 6.73 0.21 22.16
CA LEU B 228 6.16 -0.16 20.84
C LEU B 228 7.00 0.35 19.68
N THR B 229 7.05 -0.44 18.61
CA THR B 229 7.66 0.05 17.40
C THR B 229 6.65 0.10 16.27
N LYS B 230 5.42 -0.34 16.48
CA LYS B 230 4.41 -0.23 15.41
C LYS B 230 3.09 -0.36 15.99
N ILE B 231 2.18 0.50 15.56
CA ILE B 231 0.79 0.38 15.95
C ILE B 231 -0.02 0.79 14.77
N GLU B 232 -0.99 -0.05 14.39
CA GLU B 232 -1.92 0.33 13.33
C GLU B 232 -3.30 -0.31 13.39
N SER B 233 -4.34 0.41 13.06
CA SER B 233 -5.69 -0.20 13.12
C SER B 233 -6.21 -0.42 11.70
N ARG B 234 -7.21 -1.29 11.59
CA ARG B 234 -8.03 -1.43 10.37
C ARG B 234 -9.27 -2.19 10.81
N PRO B 235 -10.39 -2.04 10.08
CA PRO B 235 -11.65 -2.60 10.55
C PRO B 235 -11.81 -4.06 10.25
N SER B 236 -11.96 -4.87 11.29
CA SER B 236 -12.44 -6.27 11.22
C SER B 236 -13.27 -6.61 9.96
N ARG B 237 -12.67 -7.39 9.08
CA ARG B 237 -13.34 -7.84 7.88
C ARG B 237 -14.40 -8.83 8.31
N LYS B 238 -14.20 -9.42 9.49
CA LYS B 238 -15.04 -10.54 9.87
C LYS B 238 -16.13 -10.33 10.90
N LYS B 239 -15.79 -9.67 12.00
CA LYS B 239 -16.82 -9.34 13.00
C LYS B 239 -17.45 -7.96 12.71
N ALA B 240 -18.77 -7.89 12.90
CA ALA B 240 -19.58 -6.71 12.56
C ALA B 240 -19.00 -5.41 13.12
N PHE B 241 -18.92 -5.30 14.45
CA PHE B 241 -18.46 -4.06 15.12
C PHE B 241 -16.98 -4.09 15.68
N GLU B 242 -15.96 -4.33 14.85
CA GLU B 242 -14.62 -4.34 15.44
C GLU B 242 -13.45 -3.85 14.58
N TYR B 243 -12.30 -3.71 15.23
CA TYR B 243 -11.08 -3.26 14.57
C TYR B 243 -9.93 -4.24 14.81
N LEU B 244 -9.06 -4.47 13.84
CA LEU B 244 -7.79 -5.19 14.07
C LEU B 244 -6.66 -4.25 14.27
N PHE B 245 -5.71 -4.69 15.06
CA PHE B 245 -4.57 -3.84 15.36
C PHE B 245 -3.38 -4.63 15.17
N TYR B 246 -2.39 -3.99 14.60
CA TYR B 246 -1.10 -4.61 14.42
C TYR B 246 -0.25 -3.95 15.45
N ALA B 247 0.32 -4.77 16.31
CA ALA B 247 1.30 -4.19 17.17
C ALA B 247 2.67 -4.84 17.13
N ASP B 248 3.72 -4.04 17.09
CA ASP B 248 5.07 -4.62 17.28
C ASP B 248 5.63 -4.00 18.49
N PHE B 249 6.40 -4.77 19.25
CA PHE B 249 7.05 -4.13 20.37
C PHE B 249 8.41 -4.80 20.64
N ILE B 250 9.28 -4.18 21.43
CA ILE B 250 10.54 -4.85 21.78
C ILE B 250 10.51 -5.72 23.03
N GLY B 251 10.88 -7.00 22.84
CA GLY B 251 10.88 -8.01 23.89
C GLY B 251 10.50 -9.33 23.24
N HIS B 252 10.39 -10.38 24.06
CA HIS B 252 10.00 -11.73 23.65
C HIS B 252 8.72 -12.15 24.31
N ARG B 253 7.87 -12.82 23.55
CA ARG B 253 6.68 -13.59 23.99
C ARG B 253 6.76 -14.09 25.47
N GLU B 254 7.94 -14.60 25.88
CA GLU B 254 8.05 -15.28 27.18
C GLU B 254 8.90 -14.53 28.17
N ASP B 255 9.12 -13.25 27.90
CA ASP B 255 9.52 -12.32 28.94
C ASP B 255 8.35 -12.15 29.92
N GLN B 256 8.74 -12.01 31.18
CA GLN B 256 7.76 -11.97 32.24
C GLN B 256 6.76 -10.88 31.99
N ASN B 257 7.26 -9.66 31.99
CA ASN B 257 6.72 -8.51 31.30
C ASN B 257 5.72 -8.65 30.20
N VAL B 258 6.25 -9.06 29.07
CA VAL B 258 5.54 -9.32 27.85
C VAL B 258 4.32 -10.29 28.02
N HIS B 259 4.58 -11.35 28.74
CA HIS B 259 3.61 -12.37 28.95
C HIS B 259 2.44 -11.86 29.74
N ASN B 260 2.76 -11.14 30.82
CA ASN B 260 1.79 -10.45 31.62
C ASN B 260 0.92 -9.56 30.73
N ALA B 261 1.63 -8.71 29.97
CA ALA B 261 1.00 -7.77 29.06
C ALA B 261 0.03 -8.50 28.15
N LEU B 262 0.49 -9.59 27.53
CA LEU B 262 -0.27 -10.30 26.55
C LEU B 262 -1.48 -11.00 27.14
N GLU B 263 -1.27 -11.64 28.31
CA GLU B 263 -2.34 -12.20 29.11
C GLU B 263 -3.45 -11.23 29.53
N ASN B 264 -3.07 -10.06 30.01
CA ASN B 264 -3.97 -8.95 30.32
C ASN B 264 -4.76 -8.51 29.09
N LEU B 265 -4.07 -8.39 27.97
CA LEU B 265 -4.70 -8.12 26.68
C LEU B 265 -5.82 -9.06 26.30
N ARG B 266 -5.46 -10.33 26.40
CA ARG B 266 -6.29 -11.47 26.16
C ARG B 266 -7.51 -11.48 27.08
N GLU B 267 -7.47 -10.66 28.14
CA GLU B 267 -8.60 -10.46 29.05
C GLU B 267 -9.87 -9.87 28.41
N PHE B 268 -9.67 -8.82 27.62
CA PHE B 268 -10.75 -8.20 26.89
C PHE B 268 -10.59 -8.20 25.38
N ALA B 269 -9.38 -8.33 24.82
CA ALA B 269 -9.33 -8.44 23.32
C ALA B 269 -10.38 -9.52 22.91
N THR B 270 -10.96 -9.40 21.72
CA THR B 270 -11.73 -10.49 21.15
C THR B 270 -10.82 -11.63 20.66
N MSE B 271 -9.70 -11.28 20.06
CA MSE B 271 -8.71 -12.26 19.78
C MSE B 271 -7.32 -11.64 19.83
O MSE B 271 -7.16 -10.44 19.62
CB MSE B 271 -9.01 -12.88 18.42
CG MSE B 271 -8.67 -12.05 17.28
SE MSE B 271 -6.92 -12.45 16.45
CE MSE B 271 -7.11 -11.05 15.15
N VAL B 272 -6.34 -12.49 20.13
CA VAL B 272 -4.87 -12.21 20.09
C VAL B 272 -4.20 -13.41 19.42
N LYS B 273 -3.42 -13.14 18.38
CA LYS B 273 -2.45 -14.03 17.87
C LYS B 273 -1.07 -13.35 17.87
N VAL B 274 -0.10 -14.03 18.46
CA VAL B 274 1.33 -13.65 18.34
C VAL B 274 1.78 -14.22 16.98
N LEU B 275 2.41 -13.39 16.17
CA LEU B 275 2.75 -13.77 14.85
C LEU B 275 4.17 -14.22 15.00
N GLY B 276 4.88 -13.71 16.03
CA GLY B 276 6.19 -14.32 16.37
C GLY B 276 7.18 -13.41 16.99
N SER B 277 8.24 -13.97 17.55
CA SER B 277 9.30 -13.18 18.21
C SER B 277 10.59 -13.45 17.49
N TYR B 278 11.19 -12.38 17.01
CA TYR B 278 12.21 -12.48 15.95
C TYR B 278 13.17 -11.29 15.92
N GLY B 279 14.35 -11.52 15.41
CA GLY B 279 15.34 -10.49 15.33
C GLY B 279 15.47 -10.13 13.88
N VAL B 280 16.61 -9.60 13.50
CA VAL B 280 16.68 -8.87 12.24
C VAL B 280 17.90 -9.28 11.40
N VAL B 281 17.65 -9.49 10.11
CA VAL B 281 18.72 -9.80 9.18
C VAL B 281 19.12 -8.56 8.40
N ASN B 282 20.36 -8.16 8.67
CA ASN B 282 21.03 -7.07 8.02
C ASN B 282 21.59 -7.69 6.79
N PRO B 283 21.51 -6.96 5.65
CA PRO B 283 22.26 -7.45 4.50
C PRO B 283 23.78 -7.38 4.86
C ACT C . -7.25 3.86 -10.43
O ACT C . -6.62 4.88 -10.04
OXT ACT C . -8.04 3.34 -9.60
CH3 ACT C . -7.12 3.23 -11.79
C ACT D . 6.70 20.39 22.61
O ACT D . 6.60 19.89 23.74
OXT ACT D . 5.64 20.93 22.20
CH3 ACT D . 7.97 20.33 21.81
N PHE E . -12.72 3.53 18.45
CA PHE E . -12.04 2.70 19.47
C PHE E . -11.25 3.63 20.40
O PHE E . -11.58 4.82 20.31
CB PHE E . -11.18 1.64 18.80
CG PHE E . -10.20 2.18 17.75
CD1 PHE E . -10.49 2.06 16.37
CD2 PHE E . -9.00 2.78 18.13
CE1 PHE E . -9.61 2.53 15.42
CE2 PHE E . -8.08 3.24 17.18
CZ PHE E . -8.37 3.12 15.82
OXT PHE E . -10.38 3.31 21.24
N PHE F . 7.91 3.68 21.31
CA PHE F . 6.90 4.61 21.84
C PHE F . 5.81 3.87 22.62
O PHE F . 5.93 2.69 22.98
CB PHE F . 6.25 5.38 20.67
CG PHE F . 5.66 4.50 19.62
CD1 PHE F . 6.35 4.27 18.43
CD2 PHE F . 4.37 3.96 19.77
CE1 PHE F . 5.82 3.50 17.44
CE2 PHE F . 3.79 3.15 18.78
CZ PHE F . 4.50 2.91 17.62
OXT PHE F . 4.77 4.45 22.89
C1 EDO G . -9.11 29.47 -14.39
O1 EDO G . -9.25 28.55 -15.48
C2 EDO G . -9.33 30.90 -14.91
O2 EDO G . -9.06 31.84 -13.86
C1 EDO H . -19.32 3.62 17.86
O1 EDO H . -19.38 3.55 16.43
C2 EDO H . -17.99 4.21 18.34
O2 EDO H . -17.30 3.31 19.22
C1 EDO I . -23.54 1.72 -23.45
O1 EDO I . -23.42 1.63 -24.89
C2 EDO I . -22.23 2.21 -22.83
O2 EDO I . -22.51 2.91 -21.60
C1 EDO J . 2.56 22.44 19.03
O1 EDO J . 2.92 23.84 18.89
C2 EDO J . 3.60 21.72 19.88
O2 EDO J . 3.23 20.35 20.13
C1 EDO K . -15.40 9.04 30.37
O1 EDO K . -14.25 8.60 29.60
C2 EDO K . -16.28 10.08 29.68
O2 EDO K . -15.64 11.38 29.69
C1 EDO L . -17.80 12.29 22.95
O1 EDO L . -19.13 12.37 22.37
C2 EDO L . -17.63 13.37 24.03
O2 EDO L . -17.64 12.89 25.39
C1 EDO M . -0.42 30.35 -8.68
O1 EDO M . -0.48 31.02 -9.94
C2 EDO M . -0.94 31.29 -7.60
O2 EDO M . -1.22 30.58 -6.38
C1 EDO N . -0.96 -4.32 -27.74
O1 EDO N . -2.33 -3.91 -27.59
C2 EDO N . -0.05 -3.47 -26.83
O2 EDO N . 1.31 -3.91 -26.95
C1 EDO O . 9.04 -5.70 -26.66
O1 EDO O . 10.29 -5.32 -26.06
C2 EDO O . 7.93 -6.15 -25.67
O2 EDO O . 6.67 -5.47 -25.89
C1 EDO P . 11.86 -1.52 25.40
O1 EDO P . 13.16 -2.14 25.47
C2 EDO P . 10.90 -2.51 24.74
O2 EDO P . 9.91 -3.09 25.61
C1 EDO Q . -7.85 -14.90 22.13
O1 EDO Q . -7.57 -15.13 20.74
C2 EDO Q . -6.68 -15.20 23.09
O2 EDO Q . -5.42 -15.45 22.41
#